data_8GDY
#
_entry.id   8GDY
#
_cell.length_a   58.706
_cell.length_b   61.303
_cell.length_c   68.561
_cell.angle_alpha   90.00
_cell.angle_beta   90.00
_cell.angle_gamma   90.00
#
_symmetry.space_group_name_H-M   'P 21 21 21'
#
loop_
_entity.id
_entity.type
_entity.pdbx_description
1 polymer 'Protein disulfide-isomerase'
2 non-polymer 'THIOCYANATE ION'
3 non-polymer 1,2-ETHANEDIOL
4 water water
#
_entity_poly.entity_id   1
_entity_poly.type   'polypeptide(L)'
_entity_poly.pdbx_seq_one_letter_code
;MGSSHHHHHHSSGLVPRGSHMDAPEEEDHVLVLRRSNFAEALAAHRYLLVEFYAPWCGHCRALAPEYARAAGRLRAEGSE
IRLAKVDATEESDLAQQYGVRGYPTIKFFRNGDTASPREYTAGREADDIVNWLRRRTGPAA
;
_entity_poly.pdbx_strand_id   A,B
#
loop_
_chem_comp.id
_chem_comp.type
_chem_comp.name
_chem_comp.formula
EDO non-polymer 1,2-ETHANEDIOL 'C2 H6 O2'
SCN non-polymer 'THIOCYANATE ION' 'C N S -1'
#
# COMPACT_ATOMS: atom_id res chain seq x y z
N PRO A 24 -1.19 -8.41 10.50
CA PRO A 24 -0.47 -9.37 9.67
C PRO A 24 0.18 -8.74 8.44
N GLU A 25 1.07 -9.50 7.80
CA GLU A 25 1.78 -9.02 6.62
C GLU A 25 0.81 -8.55 5.56
N GLU A 26 1.26 -7.60 4.74
CA GLU A 26 0.42 -6.96 3.75
C GLU A 26 1.33 -6.49 2.62
N GLU A 27 1.10 -6.99 1.40
CA GLU A 27 1.90 -6.62 0.22
C GLU A 27 1.01 -5.80 -0.71
N ASP A 28 1.28 -4.51 -0.80
CA ASP A 28 0.47 -3.57 -1.57
C ASP A 28 -1.00 -3.69 -1.18
N HIS A 29 -1.26 -3.65 0.12
CA HIS A 29 -2.59 -3.67 0.73
C HIS A 29 -3.30 -5.03 0.62
N VAL A 30 -2.65 -6.06 0.09
CA VAL A 30 -3.21 -7.40 0.01
C VAL A 30 -2.68 -8.19 1.21
N LEU A 31 -3.60 -8.68 2.04
CA LEU A 31 -3.23 -9.44 3.24
C LEU A 31 -2.57 -10.76 2.86
N VAL A 32 -1.47 -11.08 3.53
CA VAL A 32 -0.79 -12.35 3.34
C VAL A 32 -1.28 -13.32 4.40
N LEU A 33 -1.96 -14.38 3.95
CA LEU A 33 -2.59 -15.34 4.84
C LEU A 33 -1.93 -16.70 4.76
N ARG A 34 -1.95 -17.40 5.90
CA ARG A 34 -1.50 -18.78 6.01
C ARG A 34 -2.38 -19.43 7.06
N ARG A 35 -2.15 -20.73 7.31
CA ARG A 35 -3.03 -21.46 8.22
C ARG A 35 -3.08 -20.81 9.59
N SER A 36 -1.96 -20.25 10.04
CA SER A 36 -1.84 -19.68 11.39
C SER A 36 -2.61 -18.39 11.56
N ASN A 37 -2.92 -17.66 10.49
CA ASN A 37 -3.67 -16.41 10.66
C ASN A 37 -4.94 -16.37 9.82
N PHE A 38 -5.28 -17.46 9.14
CA PHE A 38 -6.43 -17.45 8.24
C PHE A 38 -7.75 -17.28 9.00
N ALA A 39 -7.92 -18.04 10.10
CA ALA A 39 -9.17 -17.93 10.86
C ALA A 39 -9.35 -16.56 11.47
N GLU A 40 -8.24 -15.91 11.85
CA GLU A 40 -8.33 -14.58 12.44
C GLU A 40 -8.71 -13.53 11.41
N ALA A 41 -8.30 -13.71 10.14
CA ALA A 41 -8.66 -12.74 9.13
C ALA A 41 -10.16 -12.81 8.80
N LEU A 42 -10.71 -14.03 8.76
CA LEU A 42 -12.15 -14.19 8.53
C LEU A 42 -12.96 -13.56 9.65
N ALA A 43 -12.47 -13.66 10.88
CA ALA A 43 -13.19 -13.12 12.02
C ALA A 43 -13.12 -11.61 12.05
N ALA A 44 -12.02 -11.03 11.57
CA ALA A 44 -11.88 -9.58 11.53
C ALA A 44 -12.56 -8.95 10.32
N HIS A 45 -12.71 -9.66 9.21
CA HIS A 45 -13.16 -9.05 7.95
C HIS A 45 -14.35 -9.81 7.41
N ARG A 46 -15.52 -9.19 7.45
CA ARG A 46 -16.73 -9.87 7.01
C ARG A 46 -16.89 -9.90 5.49
N TYR A 47 -16.12 -9.08 4.76
CA TYR A 47 -16.05 -9.11 3.29
C TYR A 47 -14.58 -9.33 2.92
N LEU A 48 -14.24 -10.56 2.54
CA LEU A 48 -12.84 -10.95 2.39
C LEU A 48 -12.67 -11.77 1.13
N LEU A 49 -11.99 -11.21 0.14
CA LEU A 49 -11.69 -11.95 -1.08
C LEU A 49 -10.31 -12.58 -0.95
N VAL A 50 -10.19 -13.86 -1.26
CA VAL A 50 -8.96 -14.61 -1.03
C VAL A 50 -8.53 -15.25 -2.34
N GLU A 51 -7.30 -14.94 -2.78
CA GLU A 51 -6.71 -15.53 -3.99
C GLU A 51 -5.69 -16.58 -3.58
N PHE A 52 -5.97 -17.84 -3.92
CA PHE A 52 -4.99 -18.93 -3.79
C PHE A 52 -4.20 -19.02 -5.10
N TYR A 53 -2.88 -18.91 -4.99
CA TYR A 53 -2.02 -18.73 -6.16
C TYR A 53 -0.74 -19.54 -6.01
N ALA A 54 0.04 -19.57 -7.09
CA ALA A 54 1.39 -20.12 -7.12
C ALA A 54 2.28 -19.07 -7.78
N PRO A 55 3.42 -18.73 -7.18
CA PRO A 55 4.23 -17.63 -7.74
C PRO A 55 4.79 -17.95 -9.11
N TRP A 56 4.88 -19.23 -9.47
CA TRP A 56 5.39 -19.62 -10.79
C TRP A 56 4.31 -19.63 -11.87
N CYS A 57 3.03 -19.53 -11.50
CA CYS A 57 1.95 -19.63 -12.48
C CYS A 57 1.80 -18.33 -13.27
N GLY A 58 1.76 -18.44 -14.59
CA GLY A 58 1.68 -17.25 -15.43
C GLY A 58 0.42 -16.44 -15.19
N HIS A 59 -0.73 -17.09 -15.09
CA HIS A 59 -1.95 -16.32 -14.87
C HIS A 59 -1.97 -15.67 -13.49
N CYS A 60 -1.34 -16.28 -12.50
CA CYS A 60 -1.17 -15.61 -11.21
C CYS A 60 -0.27 -14.37 -11.35
N ARG A 61 0.82 -14.49 -12.12
CA ARG A 61 1.69 -13.34 -12.34
C ARG A 61 0.94 -12.20 -13.01
N ALA A 62 0.14 -12.51 -14.03
CA ALA A 62 -0.63 -11.47 -14.71
C ALA A 62 -1.70 -10.88 -13.79
N LEU A 63 -2.14 -11.65 -12.80
CA LEU A 63 -3.20 -11.19 -11.91
C LEU A 63 -2.65 -10.32 -10.78
N ALA A 64 -1.44 -10.60 -10.32
CA ALA A 64 -0.94 -9.94 -9.11
C ALA A 64 -0.99 -8.42 -9.17
N PRO A 65 -0.55 -7.74 -10.24
CA PRO A 65 -0.66 -6.26 -10.24
C PRO A 65 -2.09 -5.75 -10.25
N GLU A 66 -2.98 -6.40 -10.99
CA GLU A 66 -4.38 -5.98 -11.00
C GLU A 66 -5.03 -6.21 -9.64
N TYR A 67 -4.78 -7.37 -9.02
CA TYR A 67 -5.31 -7.65 -7.69
C TYR A 67 -4.87 -6.57 -6.71
N ALA A 68 -3.57 -6.24 -6.72
CA ALA A 68 -3.04 -5.21 -5.83
C ALA A 68 -3.58 -3.81 -6.16
N ARG A 69 -3.83 -3.51 -7.44
CA ARG A 69 -4.46 -2.23 -7.75
C ARG A 69 -5.91 -2.18 -7.29
N ALA A 70 -6.63 -3.31 -7.34
CA ALA A 70 -7.97 -3.35 -6.79
C ALA A 70 -7.97 -3.07 -5.30
N ALA A 71 -7.00 -3.64 -4.58
CA ALA A 71 -6.94 -3.44 -3.13
C ALA A 71 -6.55 -2.01 -2.78
N GLY A 72 -5.66 -1.41 -3.57
CA GLY A 72 -5.30 -0.01 -3.33
C GLY A 72 -6.47 0.93 -3.54
N ARG A 73 -7.29 0.67 -4.55
CA ARG A 73 -8.46 1.51 -4.80
C ARG A 73 -9.50 1.36 -3.70
N LEU A 74 -9.76 0.12 -3.26
CA LEU A 74 -10.68 -0.06 -2.12
C LEU A 74 -10.15 0.64 -0.89
N ARG A 75 -8.83 0.55 -0.65
CA ARG A 75 -8.26 1.27 0.49
C ARG A 75 -8.37 2.78 0.30
N ALA A 76 -8.14 3.27 -0.93
CA ALA A 76 -8.31 4.69 -1.19
C ALA A 76 -9.74 5.14 -0.95
N GLU A 77 -10.70 4.24 -1.19
CA GLU A 77 -12.12 4.54 -0.99
C GLU A 77 -12.59 4.32 0.45
N GLY A 78 -11.67 4.05 1.38
CA GLY A 78 -12.08 3.83 2.76
C GLY A 78 -12.97 2.63 2.96
N SER A 79 -12.83 1.62 2.12
CA SER A 79 -13.71 0.46 2.19
C SER A 79 -13.27 -0.51 3.26
N GLU A 80 -14.25 -1.21 3.85
CA GLU A 80 -13.96 -2.29 4.78
C GLU A 80 -13.70 -3.64 4.08
N ILE A 81 -13.98 -3.73 2.77
CA ILE A 81 -13.64 -4.94 2.05
C ILE A 81 -12.12 -5.11 2.04
N ARG A 82 -11.65 -6.35 2.19
CA ARG A 82 -10.23 -6.67 2.24
C ARG A 82 -9.92 -7.75 1.22
N LEU A 83 -8.78 -7.60 0.54
CA LEU A 83 -8.27 -8.60 -0.37
C LEU A 83 -7.09 -9.32 0.29
N ALA A 84 -7.04 -10.63 0.08
CA ALA A 84 -6.00 -11.45 0.69
C ALA A 84 -5.49 -12.43 -0.36
N LYS A 85 -4.32 -13.00 -0.09
CA LYS A 85 -3.72 -14.00 -0.97
C LYS A 85 -3.06 -15.08 -0.13
N VAL A 86 -3.05 -16.31 -0.67
CA VAL A 86 -2.47 -17.48 -0.02
C VAL A 86 -1.60 -18.21 -1.04
N ASP A 87 -0.31 -18.34 -0.74
CA ASP A 87 0.57 -19.15 -1.58
C ASP A 87 0.21 -20.61 -1.34
N ALA A 88 -0.52 -21.21 -2.28
CA ALA A 88 -1.02 -22.55 -2.04
C ALA A 88 0.06 -23.60 -2.16
N THR A 89 1.17 -23.30 -2.83
CA THR A 89 2.27 -24.25 -2.86
C THR A 89 2.93 -24.35 -1.50
N GLU A 90 2.91 -23.27 -0.72
CA GLU A 90 3.48 -23.29 0.62
C GLU A 90 2.44 -23.58 1.70
N GLU A 91 1.18 -23.20 1.48
CA GLU A 91 0.13 -23.51 2.43
C GLU A 91 -0.83 -24.54 1.84
N SER A 92 -0.34 -25.76 1.59
CA SER A 92 -1.11 -26.71 0.78
C SER A 92 -2.31 -27.28 1.55
N ASP A 93 -2.14 -27.62 2.83
CA ASP A 93 -3.28 -28.17 3.58
C ASP A 93 -4.43 -27.17 3.59
N LEU A 94 -4.12 -25.91 3.86
CA LEU A 94 -5.12 -24.84 3.80
C LEU A 94 -5.77 -24.78 2.43
N ALA A 95 -4.98 -24.91 1.36
CA ALA A 95 -5.56 -24.86 0.03
C ALA A 95 -6.44 -26.08 -0.25
N GLN A 96 -6.01 -27.25 0.20
CA GLN A 96 -6.80 -28.45 -0.03
C GLN A 96 -8.09 -28.42 0.76
N GLN A 97 -8.07 -27.77 1.92
CA GLN A 97 -9.29 -27.59 2.70
C GLN A 97 -10.37 -26.85 1.93
N TYR A 98 -9.99 -25.99 0.99
CA TYR A 98 -10.95 -25.28 0.17
C TYR A 98 -10.96 -25.79 -1.27
N GLY A 99 -10.54 -27.02 -1.47
CA GLY A 99 -10.73 -27.72 -2.73
C GLY A 99 -10.02 -27.07 -3.90
N VAL A 100 -8.93 -26.36 -3.64
CA VAL A 100 -8.18 -25.69 -4.69
C VAL A 100 -7.49 -26.74 -5.55
N ARG A 101 -7.83 -26.79 -6.84
CA ARG A 101 -7.18 -27.73 -7.76
C ARG A 101 -6.54 -27.06 -8.96
N GLY A 102 -6.49 -25.72 -8.99
CA GLY A 102 -5.78 -25.00 -10.04
C GLY A 102 -5.57 -23.57 -9.59
N TYR A 103 -4.68 -22.89 -10.29
CA TYR A 103 -4.38 -21.52 -9.92
C TYR A 103 -4.65 -20.56 -11.08
N PRO A 104 -5.06 -19.32 -10.80
CA PRO A 104 -5.43 -18.92 -9.44
C PRO A 104 -6.85 -19.37 -9.15
N THR A 105 -7.15 -19.57 -7.87
CA THR A 105 -8.50 -19.86 -7.42
C THR A 105 -8.88 -18.78 -6.44
N ILE A 106 -9.95 -18.05 -6.74
CA ILE A 106 -10.35 -16.89 -5.97
C ILE A 106 -11.71 -17.16 -5.34
N LYS A 107 -11.81 -16.98 -4.02
CA LYS A 107 -13.04 -17.23 -3.27
C LYS A 107 -13.36 -16.05 -2.35
N PHE A 108 -14.63 -15.71 -2.28
CA PHE A 108 -15.11 -14.60 -1.45
C PHE A 108 -15.82 -15.16 -0.21
N PHE A 109 -15.32 -14.81 0.99
CA PHE A 109 -15.91 -15.25 2.25
C PHE A 109 -16.69 -14.09 2.87
N ARG A 110 -17.91 -14.37 3.30
CA ARG A 110 -18.82 -13.38 3.84
C ARG A 110 -19.12 -13.72 5.30
N ASN A 111 -18.90 -12.75 6.20
CA ASN A 111 -19.22 -12.89 7.62
C ASN A 111 -18.48 -14.05 8.26
N GLY A 112 -17.33 -14.41 7.69
CA GLY A 112 -16.48 -15.44 8.25
C GLY A 112 -16.95 -16.86 8.03
N ASP A 113 -17.89 -17.09 7.11
CA ASP A 113 -18.48 -18.41 6.90
C ASP A 113 -17.65 -19.18 5.88
N THR A 114 -16.87 -20.13 6.36
CA THR A 114 -15.97 -20.88 5.48
C THR A 114 -16.65 -22.03 4.77
N ALA A 115 -17.85 -22.41 5.16
CA ALA A 115 -18.50 -23.53 4.48
C ALA A 115 -18.96 -23.13 3.08
N SER A 116 -19.41 -21.89 2.91
CA SER A 116 -20.09 -21.46 1.68
C SER A 116 -19.45 -20.21 1.08
N PRO A 117 -18.20 -20.28 0.61
CA PRO A 117 -17.61 -19.12 -0.07
C PRO A 117 -18.15 -19.01 -1.50
N ARG A 118 -18.30 -17.77 -1.98
CA ARG A 118 -18.66 -17.57 -3.38
C ARG A 118 -17.41 -17.55 -4.25
N GLU A 119 -17.45 -18.33 -5.33
CA GLU A 119 -16.34 -18.43 -6.28
C GLU A 119 -16.31 -17.19 -7.18
N TYR A 120 -15.11 -16.62 -7.35
CA TYR A 120 -14.91 -15.48 -8.24
C TYR A 120 -14.55 -16.00 -9.62
N THR A 121 -15.40 -15.72 -10.61
CA THR A 121 -15.13 -16.18 -11.96
C THR A 121 -15.21 -15.05 -12.98
N ALA A 122 -15.05 -13.80 -12.56
CA ALA A 122 -15.24 -12.66 -13.44
C ALA A 122 -13.89 -12.20 -13.97
N GLY A 123 -13.83 -10.98 -14.52
CA GLY A 123 -12.61 -10.51 -15.17
C GLY A 123 -11.45 -10.35 -14.21
N ARG A 124 -10.24 -10.27 -14.77
CA ARG A 124 -9.03 -10.20 -13.98
C ARG A 124 -8.39 -8.81 -13.99
N GLU A 125 -9.10 -7.79 -14.46
CA GLU A 125 -8.62 -6.42 -14.37
C GLU A 125 -9.02 -5.81 -13.03
N ALA A 126 -8.34 -4.75 -12.63
CA ALA A 126 -8.60 -4.15 -11.33
C ALA A 126 -10.05 -3.68 -11.22
N ASP A 127 -10.56 -3.00 -12.25
CA ASP A 127 -11.90 -2.44 -12.12
C ASP A 127 -12.99 -3.51 -12.02
N ASP A 128 -12.82 -4.68 -12.65
CA ASP A 128 -13.95 -5.60 -12.52
C ASP A 128 -13.90 -6.39 -11.21
N ILE A 129 -12.74 -6.45 -10.55
CA ILE A 129 -12.70 -7.03 -9.22
C ILE A 129 -13.48 -6.16 -8.23
N VAL A 130 -13.22 -4.84 -8.23
CA VAL A 130 -13.92 -4.01 -7.26
C VAL A 130 -15.40 -3.89 -7.60
N ASN A 131 -15.73 -3.80 -8.91
CA ASN A 131 -17.13 -3.81 -9.32
C ASN A 131 -17.83 -5.07 -8.81
N TRP A 132 -17.21 -6.23 -9.01
CA TRP A 132 -17.76 -7.48 -8.52
C TRP A 132 -17.93 -7.46 -7.00
N LEU A 133 -16.95 -6.89 -6.28
CA LEU A 133 -17.08 -6.80 -4.84
C LEU A 133 -18.20 -5.85 -4.44
N ARG A 134 -18.33 -4.73 -5.15
CA ARG A 134 -19.41 -3.79 -4.87
C ARG A 134 -20.78 -4.43 -5.10
N ARG A 135 -20.90 -5.29 -6.12
CA ARG A 135 -22.17 -5.98 -6.32
C ARG A 135 -22.48 -6.98 -5.21
N ARG A 136 -21.47 -7.46 -4.48
CA ARG A 136 -21.72 -8.36 -3.36
C ARG A 136 -22.12 -7.63 -2.09
N THR A 137 -21.75 -6.36 -1.97
CA THR A 137 -21.86 -5.66 -0.69
C THR A 137 -22.69 -4.39 -0.81
N GLY A 138 -22.26 -3.44 -1.64
CA GLY A 138 -22.89 -2.15 -1.74
C GLY A 138 -21.89 -1.09 -2.15
N PRO A 139 -22.38 0.02 -2.73
CA PRO A 139 -21.44 1.03 -3.27
C PRO A 139 -20.56 1.68 -2.22
N ALA A 140 -21.00 1.73 -0.96
CA ALA A 140 -20.21 2.33 0.10
C ALA A 140 -20.00 1.35 1.25
N ALA A 141 -19.48 0.17 0.93
CA ALA A 141 -19.16 -0.82 1.94
C ALA A 141 -17.66 -0.75 2.27
N ASP B 22 -3.55 0.01 9.97
CA ASP B 22 -3.09 -0.70 8.77
C ASP B 22 -2.39 0.23 7.78
N ALA B 23 -1.92 -0.34 6.66
CA ALA B 23 -0.97 0.34 5.79
C ALA B 23 -1.60 1.61 5.18
N PRO B 24 -0.86 2.71 5.16
CA PRO B 24 -1.44 3.97 4.65
C PRO B 24 -1.78 3.88 3.17
N GLU B 25 -2.74 4.71 2.77
CA GLU B 25 -3.06 4.80 1.36
C GLU B 25 -1.90 5.47 0.61
N GLU B 26 -1.82 5.18 -0.69
CA GLU B 26 -0.76 5.71 -1.53
C GLU B 26 -1.39 6.45 -2.70
N GLU B 27 -0.81 7.59 -3.05
CA GLU B 27 -1.22 8.36 -4.22
C GLU B 27 -0.02 8.44 -5.16
N ASP B 28 -0.07 7.65 -6.24
CA ASP B 28 1.06 7.51 -7.15
C ASP B 28 2.32 7.09 -6.41
N HIS B 29 2.17 6.12 -5.50
CA HIS B 29 3.24 5.47 -4.75
C HIS B 29 3.81 6.34 -3.63
N VAL B 30 3.22 7.50 -3.37
CA VAL B 30 3.60 8.37 -2.26
C VAL B 30 2.68 8.06 -1.09
N LEU B 31 3.26 7.69 0.06
CA LEU B 31 2.48 7.41 1.26
C LEU B 31 1.78 8.65 1.76
N VAL B 32 0.48 8.54 2.02
CA VAL B 32 -0.29 9.63 2.62
C VAL B 32 -0.23 9.48 4.15
N LEU B 33 0.45 10.40 4.82
CA LEU B 33 0.64 10.30 6.27
C LEU B 33 -0.16 11.35 7.03
N ARG B 34 -0.51 11.00 8.26
CA ARG B 34 -1.20 11.87 9.21
C ARG B 34 -0.79 11.43 10.60
N ARG B 35 -1.22 12.20 11.61
CA ARG B 35 -0.75 11.91 12.98
C ARG B 35 -1.09 10.50 13.39
N SER B 36 -2.21 9.96 12.92
CA SER B 36 -2.62 8.62 13.32
C SER B 36 -1.68 7.54 12.80
N ASN B 37 -1.02 7.75 11.66
CA ASN B 37 -0.18 6.69 11.10
C ASN B 37 1.27 7.10 10.89
N PHE B 38 1.68 8.27 11.37
CA PHE B 38 3.04 8.76 11.12
C PHE B 38 4.09 7.91 11.84
N ALA B 39 3.89 7.62 13.13
CA ALA B 39 4.89 6.85 13.87
C ALA B 39 5.04 5.45 13.31
N GLU B 40 3.93 4.86 12.84
CA GLU B 40 3.99 3.54 12.22
C GLU B 40 4.82 3.56 10.93
N ALA B 41 4.68 4.62 10.13
CA ALA B 41 5.48 4.70 8.90
C ALA B 41 6.97 4.78 9.23
N LEU B 42 7.33 5.59 10.23
CA LEU B 42 8.73 5.72 10.63
C LEU B 42 9.32 4.40 11.09
N ALA B 43 8.53 3.62 11.83
CA ALA B 43 8.99 2.33 12.35
C ALA B 43 9.08 1.28 11.25
N ALA B 44 8.28 1.43 10.20
CA ALA B 44 8.28 0.47 9.12
C ALA B 44 9.31 0.77 8.04
N HIS B 45 9.73 2.02 7.87
CA HIS B 45 10.63 2.40 6.78
C HIS B 45 11.80 3.19 7.33
N ARG B 46 12.98 2.57 7.30
CA ARG B 46 14.16 3.22 7.83
C ARG B 46 14.69 4.33 6.92
N TYR B 47 14.24 4.40 5.66
CA TYR B 47 14.59 5.48 4.74
C TYR B 47 13.28 6.09 4.26
N LEU B 48 12.93 7.26 4.81
CA LEU B 48 11.59 7.80 4.61
C LEU B 48 11.69 9.30 4.38
N LEU B 49 11.39 9.74 3.16
CA LEU B 49 11.35 11.15 2.83
C LEU B 49 9.91 11.64 2.98
N VAL B 50 9.73 12.77 3.67
CA VAL B 50 8.41 13.29 3.95
C VAL B 50 8.32 14.72 3.44
N GLU B 51 7.30 15.00 2.61
CA GLU B 51 7.02 16.35 2.15
C GLU B 51 5.81 16.90 2.89
N PHE B 52 6.01 17.98 3.65
CA PHE B 52 4.91 18.72 4.27
C PHE B 52 4.48 19.83 3.32
N TYR B 53 3.21 19.82 2.93
CA TYR B 53 2.75 20.65 1.83
C TYR B 53 1.39 21.26 2.13
N ALA B 54 0.97 22.18 1.24
CA ALA B 54 -0.38 22.73 1.20
C ALA B 54 -0.89 22.57 -0.24
N PRO B 55 -2.08 22.01 -0.43
CA PRO B 55 -2.56 21.76 -1.80
C PRO B 55 -2.72 23.03 -2.61
N TRP B 56 -2.91 24.18 -1.96
CA TRP B 56 -3.02 25.44 -2.68
C TRP B 56 -1.66 26.04 -3.03
N CYS B 57 -0.57 25.54 -2.45
CA CYS B 57 0.74 26.16 -2.62
C CYS B 57 1.30 25.91 -4.02
N GLY B 58 1.68 26.99 -4.70
CA GLY B 58 2.15 26.87 -6.08
C GLY B 58 3.39 26.00 -6.20
N HIS B 59 4.37 26.20 -5.32
CA HIS B 59 5.56 25.36 -5.39
C HIS B 59 5.25 23.91 -5.02
N CYS B 60 4.23 23.68 -4.18
CA CYS B 60 3.80 22.31 -3.91
C CYS B 60 3.14 21.68 -5.13
N ARG B 61 2.31 22.44 -5.83
CA ARG B 61 1.70 21.94 -7.06
C ARG B 61 2.77 21.59 -8.11
N ALA B 62 3.77 22.46 -8.25
CA ALA B 62 4.86 22.19 -9.19
C ALA B 62 5.67 20.97 -8.77
N LEU B 63 5.74 20.69 -7.46
CA LEU B 63 6.55 19.59 -6.97
C LEU B 63 5.83 18.26 -7.04
N ALA B 64 4.50 18.27 -6.88
CA ALA B 64 3.73 17.04 -6.76
C ALA B 64 4.01 16.02 -7.86
N PRO B 65 3.99 16.37 -9.16
CA PRO B 65 4.27 15.35 -10.18
C PRO B 65 5.69 14.83 -10.16
N GLU B 66 6.67 15.69 -9.84
CA GLU B 66 8.05 15.23 -9.80
C GLU B 66 8.28 14.33 -8.60
N TYR B 67 7.70 14.69 -7.44
CA TYR B 67 7.76 13.82 -6.27
C TYR B 67 7.18 12.44 -6.58
N ALA B 68 6.02 12.41 -7.26
CA ALA B 68 5.38 11.14 -7.59
C ALA B 68 6.20 10.33 -8.58
N ARG B 69 6.91 10.99 -9.51
CA ARG B 69 7.73 10.23 -10.46
C ARG B 69 8.97 9.66 -9.78
N ALA B 70 9.55 10.39 -8.82
CA ALA B 70 10.63 9.84 -8.00
C ALA B 70 10.16 8.56 -7.33
N ALA B 71 8.97 8.59 -6.73
CA ALA B 71 8.44 7.45 -6.00
C ALA B 71 8.19 6.28 -6.94
N GLY B 72 7.70 6.55 -8.14
CA GLY B 72 7.49 5.48 -9.11
C GLY B 72 8.79 4.82 -9.55
N ARG B 73 9.81 5.65 -9.80
CA ARG B 73 11.11 5.14 -10.21
C ARG B 73 11.74 4.26 -9.13
N LEU B 74 11.74 4.75 -7.89
CA LEU B 74 12.30 3.96 -6.79
C LEU B 74 11.54 2.65 -6.63
N ARG B 75 10.21 2.69 -6.73
CA ARG B 75 9.44 1.44 -6.70
C ARG B 75 9.84 0.52 -7.83
N ALA B 76 9.94 1.07 -9.05
CA ALA B 76 10.33 0.25 -10.19
C ALA B 76 11.73 -0.32 -10.03
N GLU B 77 12.59 0.33 -9.24
CA GLU B 77 13.93 -0.19 -8.98
C GLU B 77 13.96 -1.11 -7.76
N GLY B 78 12.80 -1.53 -7.25
CA GLY B 78 12.77 -2.42 -6.11
C GLY B 78 13.37 -1.84 -4.86
N SER B 79 13.30 -0.52 -4.70
CA SER B 79 13.99 0.13 -3.60
C SER B 79 13.19 0.09 -2.30
N GLU B 80 13.93 0.00 -1.20
CA GLU B 80 13.39 0.08 0.15
C GLU B 80 12.95 1.48 0.55
N ILE B 81 13.55 2.51 -0.08
CA ILE B 81 13.21 3.89 0.25
C ILE B 81 11.73 4.14 -0.04
N ARG B 82 11.09 4.94 0.83
CA ARG B 82 9.70 5.33 0.64
C ARG B 82 9.58 6.85 0.65
N LEU B 83 8.72 7.37 -0.22
CA LEU B 83 8.36 8.78 -0.22
C LEU B 83 6.97 8.94 0.38
N ALA B 84 6.81 9.95 1.22
CA ALA B 84 5.56 10.22 1.91
C ALA B 84 5.24 11.71 1.81
N LYS B 85 3.97 12.04 2.04
CA LYS B 85 3.55 13.44 2.08
C LYS B 85 2.54 13.64 3.20
N VAL B 86 2.52 14.86 3.73
CA VAL B 86 1.63 15.26 4.82
C VAL B 86 1.01 16.60 4.45
N ASP B 87 -0.32 16.65 4.40
CA ASP B 87 -1.03 17.91 4.20
C ASP B 87 -0.94 18.69 5.51
N ALA B 88 -0.04 19.66 5.55
CA ALA B 88 0.20 20.36 6.80
C ALA B 88 -0.93 21.31 7.16
N THR B 89 -1.78 21.70 6.20
CA THR B 89 -2.93 22.52 6.56
C THR B 89 -3.96 21.71 7.32
N GLU B 90 -4.00 20.39 7.09
CA GLU B 90 -4.94 19.53 7.81
C GLU B 90 -4.30 18.78 8.97
N GLU B 91 -3.01 18.47 8.89
CA GLU B 91 -2.29 17.77 9.97
C GLU B 91 -1.37 18.77 10.67
N SER B 92 -2.00 19.74 11.31
CA SER B 92 -1.30 20.95 11.73
C SER B 92 -0.40 20.72 12.93
N ASP B 93 -0.87 19.96 13.93
CA ASP B 93 -0.04 19.68 15.10
C ASP B 93 1.18 18.86 14.71
N LEU B 94 0.98 17.84 13.87
CA LEU B 94 2.10 17.07 13.35
C LEU B 94 3.12 17.96 12.66
N ALA B 95 2.65 18.93 11.88
CA ALA B 95 3.60 19.79 11.16
C ALA B 95 4.35 20.70 12.12
N GLN B 96 3.66 21.23 13.12
CA GLN B 96 4.29 22.05 14.15
C GLN B 96 5.34 21.26 14.91
N GLN B 97 5.08 19.98 15.17
CA GLN B 97 6.09 19.13 15.82
C GLN B 97 7.43 19.21 15.13
N TYR B 98 7.44 19.26 13.80
CA TYR B 98 8.67 19.31 13.03
C TYR B 98 8.95 20.70 12.48
N GLY B 99 8.44 21.71 13.18
CA GLY B 99 8.83 23.09 12.92
C GLY B 99 8.56 23.57 11.53
N VAL B 100 7.70 22.89 10.79
CA VAL B 100 7.32 23.29 9.45
C VAL B 100 6.75 24.70 9.51
N ARG B 101 7.49 25.67 8.97
CA ARG B 101 7.04 27.05 8.89
C ARG B 101 7.16 27.55 7.45
N GLY B 102 6.68 26.76 6.51
CA GLY B 102 6.70 27.10 5.10
C GLY B 102 6.55 25.88 4.22
N TYR B 103 6.02 26.06 3.01
CA TYR B 103 5.70 24.94 2.14
C TYR B 103 6.40 25.08 0.79
N PRO B 104 6.85 23.98 0.18
CA PRO B 104 6.86 22.68 0.86
C PRO B 104 8.08 22.58 1.77
N THR B 105 7.99 21.78 2.83
CA THR B 105 9.16 21.46 3.66
C THR B 105 9.37 19.96 3.57
N ILE B 106 10.55 19.55 3.11
CA ILE B 106 10.87 18.16 2.88
C ILE B 106 11.94 17.73 3.89
N LYS B 107 11.69 16.62 4.59
CA LYS B 107 12.59 16.10 5.62
C LYS B 107 12.78 14.61 5.45
N PHE B 108 14.02 14.15 5.64
CA PHE B 108 14.40 12.75 5.47
C PHE B 108 14.67 12.14 6.84
N PHE B 109 13.90 11.09 7.19
CA PHE B 109 14.02 10.41 8.47
C PHE B 109 14.73 9.08 8.27
N ARG B 110 15.77 8.85 9.06
CA ARG B 110 16.62 7.67 8.93
C ARG B 110 16.45 6.79 10.17
N ASN B 111 16.10 5.52 9.96
CA ASN B 111 15.97 4.55 11.04
C ASN B 111 14.90 4.96 12.05
N GLY B 112 13.93 5.76 11.62
CA GLY B 112 12.84 6.14 12.50
C GLY B 112 13.16 7.19 13.54
N ASP B 113 14.31 7.87 13.40
CA ASP B 113 14.77 8.82 14.41
C ASP B 113 14.19 10.19 14.09
N THR B 114 13.17 10.59 14.81
CA THR B 114 12.49 11.85 14.56
C THR B 114 13.23 13.07 15.09
N ALA B 115 14.23 12.90 15.95
CA ALA B 115 14.89 14.09 16.48
C ALA B 115 15.88 14.69 15.51
N SER B 116 16.43 13.89 14.59
CA SER B 116 17.53 14.36 13.72
C SER B 116 17.22 14.12 12.24
N PRO B 117 16.14 14.68 11.71
CA PRO B 117 15.90 14.56 10.27
C PRO B 117 16.84 15.44 9.46
N ARG B 118 17.21 14.95 8.28
CA ARG B 118 18.01 15.75 7.36
C ARG B 118 17.08 16.53 6.44
N GLU B 119 17.24 17.86 6.42
CA GLU B 119 16.45 18.71 5.54
C GLU B 119 16.82 18.51 4.07
N TYR B 120 15.81 18.42 3.21
CA TYR B 120 16.02 18.34 1.77
C TYR B 120 16.00 19.75 1.21
N THR B 121 17.13 20.18 0.66
CA THR B 121 17.23 21.50 0.05
C THR B 121 17.71 21.45 -1.38
N ALA B 122 17.72 20.27 -1.99
CA ALA B 122 18.27 20.12 -3.33
C ALA B 122 17.20 20.36 -4.38
N GLY B 123 17.48 19.95 -5.62
CA GLY B 123 16.61 20.28 -6.73
C GLY B 123 15.26 19.58 -6.66
N ARG B 124 14.28 20.14 -7.38
CA ARG B 124 12.92 19.67 -7.26
C ARG B 124 12.44 18.92 -8.50
N GLU B 125 13.35 18.39 -9.29
CA GLU B 125 13.02 17.45 -10.35
C GLU B 125 13.11 16.02 -9.82
N ALA B 126 12.46 15.10 -10.54
CA ALA B 126 12.41 13.71 -10.11
C ALA B 126 13.81 13.11 -10.00
N ASP B 127 14.67 13.33 -11.00
CA ASP B 127 16.01 12.76 -10.94
C ASP B 127 16.82 13.35 -9.79
N ASP B 128 16.65 14.64 -9.49
CA ASP B 128 17.35 15.24 -8.36
C ASP B 128 17.01 14.51 -7.05
N ILE B 129 15.74 14.17 -6.88
CA ILE B 129 15.26 13.59 -5.63
C ILE B 129 15.82 12.19 -5.44
N VAL B 130 15.75 11.35 -6.47
CA VAL B 130 16.23 10.00 -6.25
C VAL B 130 17.76 9.98 -6.16
N ASN B 131 18.45 10.85 -6.93
CA ASN B 131 19.91 10.96 -6.78
C ASN B 131 20.28 11.34 -5.34
N TRP B 132 19.59 12.33 -4.79
CA TRP B 132 19.80 12.73 -3.40
C TRP B 132 19.54 11.58 -2.44
N LEU B 133 18.46 10.81 -2.66
CA LEU B 133 18.18 9.68 -1.79
C LEU B 133 19.27 8.62 -1.91
N ARG B 134 19.81 8.44 -3.13
CA ARG B 134 20.86 7.44 -3.31
C ARG B 134 22.15 7.86 -2.61
N ARG B 135 22.43 9.17 -2.53
CA ARG B 135 23.61 9.62 -1.80
C ARG B 135 23.44 9.45 -0.30
N ARG B 136 22.21 9.38 0.21
CA ARG B 136 21.98 9.11 1.63
C ARG B 136 22.10 7.63 1.96
N THR B 137 21.89 6.75 0.98
CA THR B 137 21.74 5.33 1.29
C THR B 137 22.77 4.51 0.56
N GLY B 138 22.61 4.37 -0.75
CA GLY B 138 23.48 3.58 -1.58
C GLY B 138 22.76 3.25 -2.87
N PRO B 139 23.52 2.91 -3.93
CA PRO B 139 22.86 2.69 -5.24
C PRO B 139 21.90 1.52 -5.26
N ALA B 140 22.05 0.55 -4.35
CA ALA B 140 21.20 -0.64 -4.32
C ALA B 140 20.05 -0.53 -3.33
N ALA B 141 20.03 0.48 -2.48
CA ALA B 141 19.06 0.54 -1.39
C ALA B 141 17.62 0.69 -1.87
S SCN C . -21.49 -13.47 -0.50
C SCN C . -22.62 -13.54 -1.86
N SCN C . -23.38 -13.52 -2.77
C1 EDO D . 0.26 -26.07 4.70
O1 EDO D . 0.50 -27.43 5.08
C2 EDO D . -1.15 -25.61 5.10
O2 EDO D . -1.12 -24.26 5.55
S SCN E . 20.40 10.43 6.93
C SCN E . 21.84 11.39 6.56
N SCN E . 22.78 12.01 6.23
#